data_2KKA
#
_entry.id   2KKA
#
_entity_poly.entity_id   1
_entity_poly.type   'polydeoxyribonucleotide'
_entity_poly.pdbx_seq_one_letter_code
;(DA)(DG)(DG)(DG)(DT)(DT)(DA)(DG)(DG)(DG)(DT)(DT)(DA)(DI)(DG)(DG)(DT)(DT)(DA)(DG)
(DG)(DG)(DT)
;
_entity_poly.pdbx_strand_id   A
#
loop_
_chem_comp.id
_chem_comp.type
_chem_comp.name
_chem_comp.formula
DA DNA linking 2'-DEOXYADENOSINE-5'-MONOPHOSPHATE 'C10 H14 N5 O6 P'
DG DNA linking 2'-DEOXYGUANOSINE-5'-MONOPHOSPHATE 'C10 H14 N5 O7 P'
DI DNA linking 2'-DEOXYINOSINE-5'-MONOPHOSPHATE 'C10 H13 N4 O7 P'
DT DNA linking THYMIDINE-5'-MONOPHOSPHATE 'C10 H15 N2 O8 P'
#